data_3RRJ
#
_entry.id   3RRJ
#
_cell.length_a   121.947
_cell.length_b   121.947
_cell.length_c   155.257
_cell.angle_alpha   90.000
_cell.angle_beta   90.000
_cell.angle_gamma   90.000
#
_symmetry.space_group_name_H-M   'I 4 2 2'
#
loop_
_entity.id
_entity.type
_entity.pdbx_description
1 polymer 'Bifunctional NAD(P)H-hydrate repair enzyme Nnr'
2 polymer peptide
3 non-polymer 'POTASSIUM ION'
4 non-polymer "BIS(ADENOSINE)-5'-PENTAPHOSPHATE"
5 non-polymer GLYCEROL
6 water water
#
loop_
_entity_poly.entity_id
_entity_poly.type
_entity_poly.pdbx_seq_one_letter_code
_entity_poly.pdbx_strand_id
1 'polypeptide(L)'
;MGSDKIHHHHHHMKEIDELTIKEYGVDSRILMERAGISVVLAMEEELGNLSDYRFLVLCGGGNNGGDGFVVARNLLGVVK
DVLVVFLGKKKTPDCEYNYGLYKKFGGKVVEQFEPSILNEFDVVVDAIFGTGLRGEITGEYAEIINLVNKSGKVVVSVDV
PSGIDSNTGKVLRTAVKADLTVTFGVPKIGHILFPGRDLTGKLKVANIGHPVHLINSINRYVITREMVRSLLPERPRDSH
KGTYGKVLIIAGSRLYSGAPVLSGMGSLKVGTGLVKLAVPFPQNLIATSRFPELISVPIDTEKGFFSLQNLQECLELSKD
VDVVAIGPGLGNNEHVREFVNEFLKTLEKPAVIDADAINVLDTSVLKERKSPAVLTPHPGEMARLVKKTVGDVKYNYELA
EEFAKENDCVLVLKSATTIVTDGEKTLFNITGNTGLSKGGSGDVLTGMIAGFIAQGLSPLEASTVSVYLHGFAAELFEQD
ERGLTASELLRLIPEAIRRLKE
;
A
2 'polypeptide(L)' AWLFEA B
#
loop_
_chem_comp.id
_chem_comp.type
_chem_comp.name
_chem_comp.formula
AP5 non-polymer BIS(ADENOSINE)-5'-PENTAPHOSPHATE 'C20 H29 N10 O22 P5'
GOL non-polymer GLYCEROL 'C3 H8 O3'
K non-polymer 'POTASSIUM ION' 'K 1'
#
# COMPACT_ATOMS: atom_id res chain seq x y z
N MET A 13 -5.31 -2.93 17.41
CA MET A 13 -4.33 -3.83 18.10
C MET A 13 -4.24 -3.58 19.59
N LYS A 14 -4.16 -2.32 20.02
CA LYS A 14 -4.15 -2.03 21.45
C LYS A 14 -5.40 -2.68 22.04
N GLU A 15 -6.46 -2.69 21.25
CA GLU A 15 -7.74 -3.32 21.57
C GLU A 15 -7.60 -4.83 21.63
N ILE A 16 -6.75 -5.38 20.79
CA ILE A 16 -6.47 -6.81 20.75
C ILE A 16 -5.53 -7.30 21.83
N ASP A 17 -4.55 -6.48 22.23
CA ASP A 17 -3.79 -6.73 23.45
C ASP A 17 -4.70 -6.81 24.68
N GLU A 18 -5.62 -5.84 24.79
CA GLU A 18 -6.52 -5.76 25.93
C GLU A 18 -7.42 -6.97 26.00
N LEU A 19 -8.03 -7.36 24.88
CA LEU A 19 -8.96 -8.49 24.89
C LEU A 19 -8.26 -9.82 25.24
N THR A 20 -7.04 -10.03 24.71
CA THR A 20 -6.24 -11.22 24.97
C THR A 20 -5.85 -11.30 26.44
N ILE A 21 -5.61 -10.15 27.07
CA ILE A 21 -5.37 -10.10 28.51
C ILE A 21 -6.68 -10.22 29.32
N LYS A 22 -7.56 -9.25 29.15
CA LYS A 22 -8.75 -9.12 29.96
C LYS A 22 -9.78 -10.24 29.73
N GLU A 23 -10.06 -10.63 28.47
CA GLU A 23 -11.10 -11.64 28.24
C GLU A 23 -10.50 -13.03 28.11
N TYR A 24 -9.39 -13.15 27.40
CA TYR A 24 -8.80 -14.47 27.16
C TYR A 24 -7.94 -14.96 28.35
N GLY A 25 -7.37 -14.03 29.07
CA GLY A 25 -6.67 -14.37 30.27
C GLY A 25 -5.19 -14.53 30.16
N VAL A 26 -4.62 -14.18 29.03
CA VAL A 26 -3.17 -14.25 28.89
C VAL A 26 -2.55 -13.15 29.76
N ASP A 27 -1.72 -13.54 30.73
CA ASP A 27 -0.95 -12.57 31.49
C ASP A 27 -0.19 -11.65 30.53
N SER A 28 -0.23 -10.36 30.83
CA SER A 28 0.48 -9.37 30.06
C SER A 28 1.98 -9.60 30.14
N ARG A 29 2.48 -10.21 31.22
CA ARG A 29 3.91 -10.51 31.25
C ARG A 29 4.32 -11.53 30.21
N ILE A 30 3.40 -12.45 29.90
CA ILE A 30 3.62 -13.49 28.89
C ILE A 30 3.62 -12.91 27.44
N LEU A 31 2.68 -12.03 27.12
CA LEU A 31 2.74 -11.31 25.87
C LEU A 31 4.08 -10.54 25.74
N MET A 32 4.51 -9.89 26.82
CA MET A 32 5.73 -9.12 26.81
C MET A 32 6.97 -10.00 26.53
N GLU A 33 7.00 -11.19 27.10
CA GLU A 33 8.13 -12.10 26.95
C GLU A 33 8.24 -12.60 25.53
N ARG A 34 7.10 -13.08 25.00
CA ARG A 34 7.02 -13.60 23.64
C ARG A 34 7.46 -12.51 22.66
N ALA A 35 7.13 -11.26 22.95
CA ALA A 35 7.55 -10.18 22.04
C ALA A 35 9.09 -10.02 22.01
N GLY A 36 9.67 -10.01 23.20
CA GLY A 36 11.09 -9.80 23.33
C GLY A 36 11.84 -10.89 22.63
N ILE A 37 11.49 -12.14 22.90
CA ILE A 37 12.21 -13.23 22.30
C ILE A 37 11.98 -13.33 20.80
N SER A 38 10.87 -12.81 20.32
CA SER A 38 10.65 -12.67 18.90
C SER A 38 11.74 -11.79 18.29
N VAL A 39 12.01 -10.69 18.99
CA VAL A 39 13.00 -9.75 18.50
C VAL A 39 14.36 -10.48 18.43
N VAL A 40 14.67 -11.30 19.43
CA VAL A 40 15.96 -11.98 19.44
C VAL A 40 16.03 -12.95 18.25
N LEU A 41 14.96 -13.68 17.98
CA LEU A 41 15.01 -14.69 16.91
C LEU A 41 15.05 -14.03 15.54
N ALA A 42 14.32 -12.93 15.40
CA ALA A 42 14.33 -12.18 14.19
C ALA A 42 15.76 -11.63 13.90
N MET A 43 16.47 -11.15 14.93
CA MET A 43 17.83 -10.64 14.71
C MET A 43 18.79 -11.76 14.33
N GLU A 44 18.59 -12.92 14.93
CA GLU A 44 19.40 -14.10 14.63
C GLU A 44 19.26 -14.52 13.14
N GLU A 45 18.04 -14.45 12.64
CA GLU A 45 17.68 -14.79 11.28
C GLU A 45 18.30 -13.78 10.30
N GLU A 46 18.50 -12.55 10.74
CA GLU A 46 19.04 -11.55 9.87
C GLU A 46 20.55 -11.43 9.97
N LEU A 47 21.13 -11.60 11.17
CA LEU A 47 22.56 -11.39 11.35
C LEU A 47 23.39 -12.68 11.42
N GLY A 48 22.69 -13.81 11.39
CA GLY A 48 23.28 -15.09 11.74
C GLY A 48 23.59 -15.18 13.22
N ASN A 49 24.57 -15.99 13.56
CA ASN A 49 25.00 -16.13 14.94
C ASN A 49 25.28 -14.80 15.62
N LEU A 50 24.57 -14.57 16.72
CA LEU A 50 24.58 -13.31 17.45
C LEU A 50 25.75 -13.19 18.42
N SER A 51 26.48 -14.27 18.66
CA SER A 51 27.42 -14.25 19.77
C SER A 51 28.63 -13.32 19.56
N ASP A 52 28.93 -12.97 18.31
CA ASP A 52 30.07 -12.09 18.06
C ASP A 52 29.71 -10.60 18.21
N TYR A 53 28.45 -10.25 18.37
CA TYR A 53 28.05 -8.83 18.43
C TYR A 53 27.90 -8.22 19.85
N ARG A 54 28.03 -6.90 19.90
CA ARG A 54 27.82 -6.15 21.11
C ARG A 54 26.56 -5.30 20.93
N PHE A 55 25.62 -5.42 21.86
CA PHE A 55 24.30 -4.80 21.73
C PHE A 55 24.09 -3.61 22.67
N LEU A 56 23.55 -2.52 22.10
CA LEU A 56 23.17 -1.32 22.88
C LEU A 56 21.68 -1.23 22.77
N VAL A 57 20.99 -1.46 23.86
CA VAL A 57 19.53 -1.43 23.85
C VAL A 57 19.08 -0.11 24.49
N LEU A 58 18.24 0.63 23.76
CA LEU A 58 17.71 1.92 24.19
C LEU A 58 16.27 1.72 24.60
N CYS A 59 15.96 2.01 25.88
CA CYS A 59 14.69 1.61 26.50
C CYS A 59 13.98 2.84 27.06
N GLY A 60 12.74 3.05 26.65
CA GLY A 60 11.87 4.02 27.29
C GLY A 60 11.22 3.38 28.51
N GLY A 61 10.43 4.17 29.20
CA GLY A 61 9.65 3.73 30.31
C GLY A 61 8.37 2.96 30.05
N GLY A 62 7.86 3.00 28.82
CA GLY A 62 6.62 2.28 28.49
C GLY A 62 6.79 0.81 28.16
N ASN A 63 5.78 0.19 27.58
CA ASN A 63 5.87 -1.22 27.29
C ASN A 63 6.81 -1.57 26.15
N ASN A 64 7.07 -0.62 25.26
CA ASN A 64 8.05 -0.81 24.24
C ASN A 64 9.44 -1.01 24.91
N GLY A 65 9.75 -0.15 25.88
CA GLY A 65 10.98 -0.35 26.66
C GLY A 65 11.02 -1.65 27.44
N GLY A 66 9.88 -2.05 27.98
CA GLY A 66 9.77 -3.36 28.60
C GLY A 66 10.12 -4.47 27.64
N ASP A 67 9.67 -4.38 26.39
CA ASP A 67 10.03 -5.37 25.37
C ASP A 67 11.54 -5.38 25.20
N GLY A 68 12.14 -4.20 25.15
CA GLY A 68 13.60 -4.07 25.12
C GLY A 68 14.30 -4.72 26.30
N PHE A 69 13.85 -4.46 27.52
CA PHE A 69 14.41 -5.16 28.68
C PHE A 69 14.39 -6.66 28.51
N VAL A 70 13.32 -7.18 27.95
CA VAL A 70 13.24 -8.61 27.70
C VAL A 70 14.27 -9.03 26.69
N VAL A 71 14.38 -8.28 25.60
CA VAL A 71 15.46 -8.52 24.66
C VAL A 71 16.79 -8.48 25.36
N ALA A 72 17.07 -7.41 26.11
CA ALA A 72 18.42 -7.29 26.71
C ALA A 72 18.69 -8.52 27.61
N ARG A 73 17.75 -8.91 28.45
CA ARG A 73 17.98 -10.06 29.32
C ARG A 73 18.29 -11.35 28.57
N ASN A 74 17.61 -11.59 27.45
CA ASN A 74 17.83 -12.81 26.71
C ASN A 74 19.12 -12.90 25.87
N LEU A 75 19.85 -11.79 25.79
CA LEU A 75 21.19 -11.76 25.22
C LEU A 75 22.27 -11.93 26.29
N LEU A 76 21.96 -11.55 27.54
CA LEU A 76 22.90 -11.74 28.64
C LEU A 76 23.51 -13.16 28.63
N GLY A 77 24.85 -13.18 28.66
CA GLY A 77 25.62 -14.39 28.62
C GLY A 77 25.73 -15.08 27.26
N VAL A 78 25.00 -14.62 26.26
CA VAL A 78 25.05 -15.30 24.98
C VAL A 78 25.86 -14.52 23.94
N VAL A 79 26.00 -13.22 24.14
CA VAL A 79 26.62 -12.32 23.18
C VAL A 79 27.85 -11.68 23.81
N LYS A 80 28.58 -10.89 23.04
CA LYS A 80 29.80 -10.29 23.50
C LYS A 80 29.55 -9.32 24.65
N ASP A 81 28.58 -8.43 24.48
CA ASP A 81 28.28 -7.40 25.49
C ASP A 81 26.89 -6.87 25.26
N VAL A 82 26.26 -6.51 26.37
CA VAL A 82 24.98 -5.84 26.35
C VAL A 82 25.05 -4.64 27.25
N LEU A 83 24.36 -3.58 26.88
CA LEU A 83 24.19 -2.47 27.78
C LEU A 83 22.84 -1.83 27.51
N VAL A 84 22.02 -1.67 28.52
CA VAL A 84 20.80 -0.91 28.36
C VAL A 84 21.03 0.53 28.78
N VAL A 85 20.72 1.48 27.89
CA VAL A 85 20.54 2.88 28.26
C VAL A 85 19.07 3.18 28.48
N PHE A 86 18.71 3.48 29.73
CA PHE A 86 17.33 3.75 30.08
C PHE A 86 17.07 5.25 29.97
N LEU A 87 16.08 5.61 29.15
CA LEU A 87 15.80 7.00 28.79
C LEU A 87 14.52 7.48 29.40
N GLY A 88 13.76 6.65 30.09
CA GLY A 88 12.45 7.08 30.60
C GLY A 88 12.47 7.83 31.93
N LYS A 89 11.31 8.36 32.32
CA LYS A 89 11.22 9.02 33.61
C LYS A 89 10.69 8.05 34.65
N LYS A 90 9.77 7.19 34.24
CA LYS A 90 9.17 6.23 35.15
C LYS A 90 8.91 5.00 34.31
N LYS A 91 8.62 3.86 34.94
CA LYS A 91 8.37 2.62 34.22
C LYS A 91 6.95 2.11 34.41
N THR A 92 6.33 1.55 33.37
CA THR A 92 5.05 0.87 33.56
C THR A 92 5.28 -0.42 34.33
N PRO A 93 4.19 -1.05 34.81
CA PRO A 93 4.37 -2.27 35.63
C PRO A 93 5.14 -3.37 34.93
N ASP A 94 4.87 -3.59 33.65
CA ASP A 94 5.56 -4.67 32.95
C ASP A 94 6.98 -4.23 32.59
N CYS A 95 7.19 -2.97 32.26
CA CYS A 95 8.55 -2.52 32.04
C CYS A 95 9.40 -2.63 33.34
N GLU A 96 8.83 -2.21 34.45
CA GLU A 96 9.49 -2.32 35.74
C GLU A 96 9.84 -3.79 36.09
N TYR A 97 8.87 -4.68 35.93
CA TYR A 97 9.09 -6.11 36.17
C TYR A 97 10.30 -6.62 35.36
N ASN A 98 10.33 -6.26 34.10
CA ASN A 98 11.37 -6.75 33.23
C ASN A 98 12.73 -6.09 33.39
N TYR A 99 12.70 -4.82 33.78
CA TYR A 99 13.89 -4.13 34.27
C TYR A 99 14.43 -4.82 35.51
N GLY A 100 13.54 -5.12 36.45
CA GLY A 100 13.89 -5.92 37.63
C GLY A 100 14.60 -7.23 37.34
N LEU A 101 14.12 -7.94 36.32
CA LEU A 101 14.77 -9.18 35.86
C LEU A 101 16.13 -8.97 35.17
N TYR A 102 16.22 -7.99 34.28
CA TYR A 102 17.50 -7.70 33.63
C TYR A 102 18.57 -7.51 34.71
N LYS A 103 18.25 -6.66 35.68
CA LYS A 103 19.19 -6.36 36.74
C LYS A 103 19.55 -7.58 37.58
N LYS A 104 18.57 -8.41 37.93
CA LYS A 104 18.83 -9.66 38.72
C LYS A 104 19.65 -10.72 37.93
N PHE A 105 19.55 -10.68 36.61
CA PHE A 105 20.33 -11.60 35.76
C PHE A 105 21.74 -11.07 35.56
N GLY A 106 22.07 -9.88 36.07
CA GLY A 106 23.42 -9.31 35.96
C GLY A 106 23.63 -8.25 34.88
N GLY A 107 22.56 -7.66 34.36
CA GLY A 107 22.66 -6.70 33.26
C GLY A 107 23.03 -5.30 33.71
N LYS A 108 23.82 -4.62 32.88
CA LYS A 108 24.26 -3.25 33.12
C LYS A 108 23.23 -2.31 32.47
N VAL A 109 22.71 -1.41 33.31
CA VAL A 109 21.88 -0.28 32.87
C VAL A 109 22.62 0.99 33.16
N VAL A 110 22.38 2.01 32.34
CA VAL A 110 22.81 3.35 32.66
C VAL A 110 21.66 4.25 32.23
N GLU A 111 21.63 5.47 32.77
CA GLU A 111 20.57 6.45 32.49
C GLU A 111 21.13 7.71 31.89
N GLN A 112 22.40 7.66 31.48
CA GLN A 112 23.09 8.79 30.85
C GLN A 112 23.63 8.31 29.49
N PHE A 113 23.31 9.06 28.44
CA PHE A 113 23.75 8.78 27.08
C PHE A 113 24.92 9.67 26.73
N GLU A 114 26.03 9.05 26.33
CA GLU A 114 27.19 9.78 25.82
C GLU A 114 27.35 9.56 24.30
N PRO A 115 27.45 10.66 23.51
CA PRO A 115 27.63 10.57 22.05
C PRO A 115 28.56 9.45 21.60
N SER A 116 29.67 9.25 22.30
CA SER A 116 30.67 8.25 21.92
C SER A 116 30.37 6.82 22.39
N ILE A 117 29.22 6.59 23.01
CA ILE A 117 28.91 5.24 23.50
C ILE A 117 28.57 4.27 22.37
N LEU A 118 28.14 4.83 21.24
CA LEU A 118 27.92 4.07 20.03
C LEU A 118 29.20 3.42 19.54
N ASN A 119 30.34 4.07 19.76
CA ASN A 119 31.62 3.49 19.33
C ASN A 119 31.90 2.06 19.82
N GLU A 120 31.36 1.70 20.98
CA GLU A 120 31.67 0.42 21.59
C GLU A 120 30.65 -0.71 21.25
N PHE A 121 29.69 -0.42 20.36
CA PHE A 121 28.62 -1.39 20.04
C PHE A 121 28.41 -1.58 18.54
N ASP A 122 27.89 -2.76 18.19
CA ASP A 122 27.70 -3.16 16.80
C ASP A 122 26.23 -3.02 16.43
N VAL A 123 25.34 -3.35 17.36
CA VAL A 123 23.93 -3.32 17.09
C VAL A 123 23.23 -2.47 18.14
N VAL A 124 22.35 -1.58 17.67
CA VAL A 124 21.47 -0.79 18.50
C VAL A 124 20.03 -1.30 18.40
N VAL A 125 19.46 -1.71 19.52
CA VAL A 125 18.05 -2.10 19.60
C VAL A 125 17.26 -0.89 20.03
N ASP A 126 16.26 -0.47 19.26
CA ASP A 126 15.56 0.77 19.52
C ASP A 126 14.24 0.43 20.12
N ALA A 127 14.15 0.55 21.45
CA ALA A 127 12.92 0.25 22.20
C ALA A 127 12.51 1.47 23.02
N ILE A 128 12.65 2.65 22.42
CA ILE A 128 12.30 3.91 23.08
C ILE A 128 10.80 4.16 23.04
N PHE A 129 10.22 4.39 21.86
CA PHE A 129 8.75 4.53 21.76
C PHE A 129 8.17 3.51 20.81
N GLY A 130 7.01 2.96 21.14
CA GLY A 130 6.24 2.16 20.18
C GLY A 130 4.95 2.85 19.75
N THR A 131 3.82 2.16 19.95
CA THR A 131 2.52 2.64 19.52
C THR A 131 2.01 3.73 20.47
N GLY A 132 2.64 3.84 21.64
CA GLY A 132 2.28 4.88 22.61
C GLY A 132 3.02 6.21 22.45
N LEU A 133 3.56 6.48 21.27
CA LEU A 133 4.11 7.80 20.93
C LEU A 133 2.96 8.81 20.78
N ARG A 134 2.97 9.85 21.61
CA ARG A 134 2.03 10.99 21.46
C ARG A 134 2.87 12.26 21.22
N GLY A 135 2.61 12.94 20.11
CA GLY A 135 3.27 14.18 19.79
C GLY A 135 4.73 14.08 19.43
N GLU A 136 5.38 15.22 19.26
CA GLU A 136 6.72 15.32 18.67
C GLU A 136 7.86 14.93 19.61
N ILE A 137 8.87 14.27 19.05
CA ILE A 137 10.09 13.96 19.79
C ILE A 137 11.00 15.18 19.81
N THR A 138 11.18 15.74 20.99
CA THR A 138 12.15 16.82 21.18
C THR A 138 13.17 16.42 22.26
N GLY A 139 14.15 17.30 22.49
CA GLY A 139 15.08 17.14 23.61
C GLY A 139 16.04 15.98 23.38
N GLU A 140 16.42 15.30 24.45
CA GLU A 140 17.50 14.33 24.41
C GLU A 140 17.04 13.07 23.73
N TYR A 141 15.75 12.76 23.79
CA TYR A 141 15.20 11.68 22.95
C TYR A 141 15.60 11.94 21.46
N ALA A 142 15.40 13.18 20.99
CA ALA A 142 15.74 13.54 19.61
C ALA A 142 17.24 13.45 19.35
N GLU A 143 18.03 14.08 20.23
CA GLU A 143 19.50 14.02 20.12
C GLU A 143 19.97 12.59 20.06
N ILE A 144 19.39 11.73 20.90
CA ILE A 144 19.75 10.31 20.87
C ILE A 144 19.41 9.65 19.53
N ILE A 145 18.22 9.92 18.99
CA ILE A 145 17.78 9.35 17.70
C ILE A 145 18.61 9.84 16.50
N ASN A 146 18.99 11.12 16.57
CA ASN A 146 19.82 11.71 15.53
C ASN A 146 21.19 11.05 15.55
N LEU A 147 21.74 10.91 16.76
CA LEU A 147 23.03 10.26 16.99
C LEU A 147 23.06 8.83 16.44
N VAL A 148 22.00 8.05 16.68
CA VAL A 148 21.86 6.68 16.15
C VAL A 148 21.76 6.65 14.61
N ASN A 149 20.91 7.50 14.06
CA ASN A 149 20.84 7.71 12.62
C ASN A 149 22.17 8.11 11.95
N LYS A 150 23.05 8.81 12.67
CA LYS A 150 24.40 9.17 12.17
C LYS A 150 25.43 8.03 12.28
N SER A 151 25.18 7.00 13.10
CA SER A 151 26.26 6.12 13.54
C SER A 151 26.69 5.03 12.56
N GLY A 152 25.82 4.66 11.61
CA GLY A 152 26.17 3.62 10.65
C GLY A 152 26.09 2.23 11.26
N LYS A 153 25.63 2.15 12.50
CA LYS A 153 25.41 0.86 13.14
C LYS A 153 24.15 0.24 12.60
N VAL A 154 24.03 -1.08 12.77
CA VAL A 154 22.82 -1.84 12.46
C VAL A 154 21.74 -1.58 13.53
N VAL A 155 20.58 -1.11 13.08
CA VAL A 155 19.46 -0.74 13.96
C VAL A 155 18.25 -1.68 13.78
N VAL A 156 17.78 -2.18 14.91
CA VAL A 156 16.65 -3.06 15.02
C VAL A 156 15.64 -2.33 15.90
N SER A 157 14.49 -1.99 15.31
CA SER A 157 13.43 -1.33 16.03
C SER A 157 12.38 -2.32 16.54
N VAL A 158 11.96 -2.09 17.78
CA VAL A 158 10.96 -2.90 18.42
C VAL A 158 9.60 -2.29 18.15
N ASP A 159 8.72 -3.07 17.52
CA ASP A 159 7.36 -2.67 17.11
C ASP A 159 7.25 -1.64 15.96
N VAL A 160 7.67 -0.41 16.21
CA VAL A 160 7.74 0.59 15.19
C VAL A 160 8.97 1.41 15.47
N PRO A 161 9.66 1.87 14.43
CA PRO A 161 10.79 2.77 14.63
C PRO A 161 10.35 3.98 15.44
N SER A 162 11.04 4.26 16.54
CA SER A 162 10.56 5.27 17.46
C SER A 162 10.48 6.57 16.73
N GLY A 163 9.34 7.25 16.81
CA GLY A 163 9.13 8.49 16.12
C GLY A 163 8.23 8.37 14.91
N ILE A 164 7.94 7.15 14.48
CA ILE A 164 6.86 6.93 13.53
C ILE A 164 5.49 6.84 14.24
N ASP A 165 4.53 7.64 13.83
CA ASP A 165 3.15 7.51 14.33
C ASP A 165 2.58 6.27 13.69
N SER A 166 2.20 5.30 14.50
CA SER A 166 1.84 4.00 13.97
C SER A 166 0.47 3.96 13.29
N ASN A 167 -0.28 5.04 13.38
CA ASN A 167 -1.57 5.22 12.68
C ASN A 167 -1.47 5.94 11.36
N THR A 168 -0.41 6.71 11.14
CA THR A 168 -0.35 7.49 9.89
C THR A 168 0.91 7.23 9.06
N GLY A 169 1.96 6.74 9.71
CA GLY A 169 3.26 6.60 9.09
C GLY A 169 3.97 7.92 8.98
N LYS A 170 3.50 8.93 9.71
CA LYS A 170 4.19 10.22 9.77
C LYS A 170 5.35 10.24 10.77
N VAL A 171 6.34 11.08 10.46
CA VAL A 171 7.50 11.31 11.32
C VAL A 171 7.22 12.44 12.29
N LEU A 172 7.21 12.14 13.58
CA LEU A 172 6.93 13.15 14.60
C LEU A 172 8.23 13.89 15.00
N ARG A 173 8.58 14.90 14.20
CA ARG A 173 9.84 15.67 14.19
C ARG A 173 11.10 14.89 13.85
N THR A 174 11.34 13.80 14.55
CA THR A 174 12.45 12.94 14.16
C THR A 174 12.09 11.46 14.44
N ALA A 175 12.70 10.57 13.70
CA ALA A 175 12.42 9.14 13.86
C ALA A 175 13.62 8.29 13.52
N VAL A 176 13.62 7.09 14.08
CA VAL A 176 14.72 6.18 13.93
C VAL A 176 14.66 5.54 12.53
N LYS A 177 15.79 5.50 11.83
CA LYS A 177 15.86 4.75 10.59
C LYS A 177 16.37 3.34 10.88
N ALA A 178 15.49 2.33 10.78
CA ALA A 178 15.80 0.93 11.14
C ALA A 178 16.25 0.11 9.93
N ASP A 179 17.09 -0.89 10.16
CA ASP A 179 17.41 -1.91 9.12
C ASP A 179 16.39 -3.04 9.21
N LEU A 180 15.90 -3.30 10.42
CA LEU A 180 14.91 -4.32 10.68
C LEU A 180 13.94 -3.81 11.76
N THR A 181 12.65 -4.07 11.56
CA THR A 181 11.62 -3.76 12.51
C THR A 181 10.86 -5.07 12.71
N VAL A 182 10.62 -5.39 13.99
CA VAL A 182 9.91 -6.61 14.39
C VAL A 182 8.67 -6.10 15.09
N THR A 183 7.52 -6.37 14.50
CA THR A 183 6.28 -5.94 15.11
C THR A 183 5.45 -7.15 15.48
N PHE A 184 4.34 -6.92 16.17
CA PHE A 184 3.62 -8.01 16.83
C PHE A 184 2.17 -8.14 16.36
N GLY A 185 1.77 -9.33 16.00
CA GLY A 185 0.39 -9.53 15.57
C GLY A 185 0.15 -9.16 14.14
N VAL A 186 0.12 -7.88 13.83
CA VAL A 186 -0.18 -7.45 12.46
C VAL A 186 0.69 -6.26 12.12
N PRO A 187 0.94 -6.04 10.83
CA PRO A 187 1.62 -4.81 10.46
C PRO A 187 0.75 -3.63 10.86
N LYS A 188 1.36 -2.53 11.25
CA LYS A 188 0.62 -1.34 11.63
C LYS A 188 0.65 -0.37 10.44
N ILE A 189 -0.36 0.47 10.35
CA ILE A 189 -0.49 1.40 9.22
C ILE A 189 0.81 2.19 9.00
N GLY A 190 1.45 2.57 10.08
CA GLY A 190 2.71 3.29 9.99
C GLY A 190 3.90 2.55 9.41
N HIS A 191 3.83 1.22 9.31
CA HIS A 191 4.86 0.45 8.61
C HIS A 191 4.59 0.43 7.11
N ILE A 192 3.34 0.74 6.75
CA ILE A 192 2.82 0.46 5.42
C ILE A 192 2.75 1.72 4.57
N LEU A 193 2.52 2.85 5.24
CA LEU A 193 2.43 4.15 4.61
C LEU A 193 3.76 4.88 4.79
N PHE A 194 4.06 5.83 3.91
CA PHE A 194 5.30 6.56 3.94
C PHE A 194 5.08 7.86 4.73
N PRO A 195 6.12 8.41 5.36
CA PRO A 195 7.52 7.97 5.32
C PRO A 195 7.85 6.75 6.18
N GLY A 196 6.91 6.34 7.04
CA GLY A 196 7.20 5.24 7.99
C GLY A 196 7.64 3.94 7.37
N ARG A 197 7.11 3.64 6.20
CA ARG A 197 7.50 2.43 5.52
C ARG A 197 8.97 2.46 5.10
N ASP A 198 9.50 3.66 4.88
CA ASP A 198 10.88 3.77 4.50
C ASP A 198 11.81 3.56 5.69
N LEU A 199 11.36 3.97 6.87
CA LEU A 199 12.17 3.94 8.07
C LEU A 199 12.13 2.59 8.80
N THR A 200 11.15 1.75 8.43
CA THR A 200 10.94 0.42 8.99
C THR A 200 12.03 -0.58 8.52
N GLY A 201 12.63 -0.31 7.36
CA GLY A 201 13.57 -1.27 6.78
C GLY A 201 12.83 -2.58 6.55
N LYS A 202 13.49 -3.70 6.82
CA LYS A 202 12.89 -4.99 6.60
C LYS A 202 11.90 -5.31 7.77
N LEU A 203 10.64 -5.60 7.44
CA LEU A 203 9.60 -5.76 8.45
C LEU A 203 9.34 -7.24 8.69
N LYS A 204 9.41 -7.68 9.94
CA LYS A 204 8.93 -9.00 10.34
C LYS A 204 7.74 -8.88 11.33
N VAL A 205 6.70 -9.68 11.10
CA VAL A 205 5.50 -9.69 11.94
C VAL A 205 5.49 -10.97 12.77
N ALA A 206 5.65 -10.81 14.08
CA ALA A 206 5.80 -11.95 14.97
C ALA A 206 4.44 -12.25 15.58
N ASN A 207 4.11 -13.53 15.63
CA ASN A 207 2.98 -14.05 16.38
C ASN A 207 3.41 -14.18 17.86
N ILE A 208 2.78 -13.41 18.76
CA ILE A 208 3.18 -13.40 20.20
C ILE A 208 2.12 -13.95 21.15
N GLY A 209 1.15 -14.63 20.57
CA GLY A 209 0.23 -15.45 21.32
C GLY A 209 -1.22 -14.98 21.27
N HIS A 210 -1.51 -13.92 20.49
CA HIS A 210 -2.90 -13.43 20.31
C HIS A 210 -3.83 -14.44 19.61
N PRO A 211 -5.03 -14.66 20.10
CA PRO A 211 -5.85 -15.66 19.39
C PRO A 211 -6.06 -15.32 17.92
N VAL A 212 -6.02 -16.32 17.06
CA VAL A 212 -6.10 -16.05 15.62
C VAL A 212 -7.39 -15.30 15.21
N HIS A 213 -8.52 -15.62 15.82
CA HIS A 213 -9.78 -14.91 15.57
C HIS A 213 -9.63 -13.39 15.70
N LEU A 214 -8.97 -12.90 16.74
CA LEU A 214 -8.76 -11.45 16.89
C LEU A 214 -7.81 -10.88 15.84
N ILE A 215 -6.72 -11.58 15.54
CA ILE A 215 -5.77 -11.12 14.55
C ILE A 215 -6.50 -10.88 13.22
N ASN A 216 -7.35 -11.83 12.85
CA ASN A 216 -8.17 -11.79 11.63
C ASN A 216 -9.33 -10.79 11.61
N SER A 217 -9.78 -10.39 12.80
CA SER A 217 -10.84 -9.39 12.97
C SER A 217 -10.40 -8.00 12.57
N ILE A 218 -9.11 -7.80 12.30
CA ILE A 218 -8.55 -6.51 11.83
C ILE A 218 -9.14 -6.18 10.48
N ASN A 219 -9.40 -4.91 10.19
CA ASN A 219 -10.20 -4.58 9.01
C ASN A 219 -9.52 -3.82 7.89
N ARG A 220 -8.26 -3.50 8.11
CA ARG A 220 -7.41 -3.00 7.09
C ARG A 220 -6.28 -3.99 6.92
N TYR A 221 -6.03 -4.44 5.68
CA TYR A 221 -4.98 -5.41 5.41
C TYR A 221 -4.09 -4.98 4.27
N VAL A 222 -2.88 -5.51 4.28
CA VAL A 222 -1.98 -5.45 3.15
C VAL A 222 -2.39 -6.51 2.13
N ILE A 223 -2.32 -6.16 0.83
CA ILE A 223 -2.63 -7.11 -0.23
C ILE A 223 -1.43 -8.06 -0.41
N THR A 224 -1.68 -9.35 -0.33
CA THR A 224 -0.63 -10.36 -0.42
C THR A 224 -0.79 -11.23 -1.65
N ARG A 225 0.29 -11.87 -1.99
CA ARG A 225 0.32 -12.84 -3.05
C ARG A 225 -0.78 -13.89 -2.90
N GLU A 226 -1.06 -14.34 -1.68
CA GLU A 226 -1.98 -15.46 -1.51
C GLU A 226 -3.39 -14.96 -1.79
N MET A 227 -3.67 -13.76 -1.37
CA MET A 227 -4.94 -13.17 -1.59
C MET A 227 -5.20 -12.93 -3.11
N VAL A 228 -4.22 -12.39 -3.82
CA VAL A 228 -4.38 -12.22 -5.25
C VAL A 228 -4.47 -13.55 -5.99
N ARG A 229 -3.71 -14.56 -5.54
CA ARG A 229 -3.85 -15.90 -6.13
C ARG A 229 -5.25 -16.46 -5.95
N SER A 230 -5.86 -16.29 -4.79
CA SER A 230 -7.19 -16.83 -4.60
C SER A 230 -8.30 -16.02 -5.33
N LEU A 231 -8.01 -14.79 -5.76
CA LEU A 231 -9.00 -13.99 -6.51
C LEU A 231 -8.87 -14.05 -8.03
N LEU A 232 -7.72 -14.49 -8.55
CA LEU A 232 -7.54 -14.64 -9.98
C LEU A 232 -8.63 -15.50 -10.63
N PRO A 233 -9.29 -15.00 -11.67
CA PRO A 233 -10.40 -15.80 -12.19
C PRO A 233 -9.97 -17.11 -12.87
N GLU A 234 -10.87 -18.06 -12.90
CA GLU A 234 -10.62 -19.32 -13.60
C GLU A 234 -10.66 -19.18 -15.10
N ARG A 235 -9.80 -19.95 -15.73
CA ARG A 235 -9.76 -20.10 -17.16
C ARG A 235 -10.22 -21.52 -17.48
N PRO A 236 -11.55 -21.75 -17.50
CA PRO A 236 -12.03 -23.10 -17.89
C PRO A 236 -11.71 -23.43 -19.34
N ARG A 237 -11.21 -24.62 -19.59
CA ARG A 237 -10.80 -24.98 -20.94
C ARG A 237 -11.88 -24.78 -22.02
N ASP A 238 -13.15 -25.09 -21.75
CA ASP A 238 -14.15 -24.96 -22.78
C ASP A 238 -14.68 -23.50 -22.75
N SER A 239 -13.93 -22.60 -23.33
CA SER A 239 -14.24 -21.20 -23.22
C SER A 239 -14.11 -20.56 -24.59
N HIS A 240 -14.70 -19.40 -24.73
CA HIS A 240 -14.55 -18.57 -25.92
C HIS A 240 -14.30 -17.10 -25.50
N LYS A 241 -14.07 -16.27 -26.48
CA LYS A 241 -13.88 -14.86 -26.25
C LYS A 241 -14.83 -14.29 -25.17
N GLY A 242 -16.14 -14.55 -25.37
CA GLY A 242 -17.18 -13.98 -24.54
C GLY A 242 -17.13 -14.44 -23.10
N THR A 243 -16.62 -15.64 -22.87
CA THR A 243 -16.40 -16.09 -21.53
C THR A 243 -15.58 -15.10 -20.73
N TYR A 244 -14.61 -14.46 -21.36
CA TYR A 244 -13.71 -13.63 -20.63
C TYR A 244 -14.05 -12.17 -20.72
N GLY A 245 -15.23 -11.86 -21.28
CA GLY A 245 -15.80 -10.52 -21.17
C GLY A 245 -15.29 -9.50 -22.18
N LYS A 246 -16.07 -8.43 -22.32
CA LYS A 246 -15.83 -7.33 -23.23
C LYS A 246 -15.75 -5.98 -22.50
N VAL A 247 -14.80 -5.15 -22.92
CA VAL A 247 -14.51 -3.84 -22.36
C VAL A 247 -14.54 -2.80 -23.47
N LEU A 248 -15.10 -1.62 -23.16
CA LEU A 248 -15.02 -0.47 -24.04
C LEU A 248 -14.16 0.59 -23.33
N ILE A 249 -13.17 1.15 -24.00
CA ILE A 249 -12.40 2.22 -23.41
C ILE A 249 -12.68 3.47 -24.18
N ILE A 250 -13.14 4.51 -23.50
CA ILE A 250 -13.43 5.81 -24.09
C ILE A 250 -12.27 6.75 -23.68
N ALA A 251 -11.46 7.12 -24.67
CA ALA A 251 -10.19 7.72 -24.34
C ALA A 251 -9.51 8.41 -25.52
N GLY A 252 -8.47 9.18 -25.19
CA GLY A 252 -7.64 9.88 -26.14
C GLY A 252 -8.27 11.16 -26.65
N SER A 253 -7.46 11.89 -27.42
CA SER A 253 -7.81 13.19 -27.93
C SER A 253 -6.70 13.50 -28.90
N ARG A 254 -6.83 14.60 -29.65
CA ARG A 254 -5.78 14.98 -30.56
C ARG A 254 -4.50 15.38 -29.81
N LEU A 255 -4.61 15.79 -28.54
CA LEU A 255 -3.39 16.01 -27.71
C LEU A 255 -2.77 14.70 -27.22
N TYR A 256 -3.59 13.74 -26.84
CA TYR A 256 -3.12 12.50 -26.15
C TYR A 256 -3.55 11.22 -26.87
N SER A 257 -2.88 10.93 -27.99
CA SER A 257 -3.19 9.75 -28.78
C SER A 257 -2.69 8.44 -28.17
N GLY A 258 -1.72 8.52 -27.26
CA GLY A 258 -1.13 7.34 -26.62
C GLY A 258 -1.94 6.61 -25.53
N ALA A 259 -2.62 7.34 -24.66
CA ALA A 259 -3.34 6.72 -23.55
C ALA A 259 -4.24 5.51 -23.93
N PRO A 260 -5.10 5.63 -24.98
CA PRO A 260 -6.02 4.53 -25.37
C PRO A 260 -5.35 3.16 -25.59
N VAL A 261 -4.18 3.20 -26.17
CA VAL A 261 -3.41 2.01 -26.52
C VAL A 261 -2.92 1.32 -25.25
N LEU A 262 -2.45 2.10 -24.29
CA LEU A 262 -1.89 1.52 -23.08
C LEU A 262 -3.01 0.95 -22.23
N SER A 263 -4.12 1.66 -22.14
CA SER A 263 -5.29 1.15 -21.43
C SER A 263 -5.84 -0.15 -22.05
N GLY A 264 -6.07 -0.10 -23.34
CA GLY A 264 -6.60 -1.21 -24.11
C GLY A 264 -5.75 -2.46 -23.96
N MET A 265 -4.41 -2.33 -23.97
CA MET A 265 -3.55 -3.50 -23.78
C MET A 265 -3.43 -3.92 -22.34
N GLY A 266 -3.64 -2.99 -21.43
CA GLY A 266 -3.81 -3.32 -20.03
C GLY A 266 -4.87 -4.39 -19.88
N SER A 267 -6.06 -4.11 -20.43
CA SER A 267 -7.21 -5.05 -20.42
C SER A 267 -6.88 -6.37 -21.08
N LEU A 268 -6.40 -6.33 -22.33
CA LEU A 268 -6.05 -7.58 -23.02
C LEU A 268 -4.98 -8.42 -22.30
N LYS A 269 -3.91 -7.79 -21.87
CA LYS A 269 -2.81 -8.52 -21.20
C LYS A 269 -3.29 -9.24 -19.89
N VAL A 270 -4.38 -8.80 -19.24
CA VAL A 270 -4.90 -9.54 -18.08
C VAL A 270 -5.94 -10.62 -18.42
N GLY A 271 -6.26 -10.81 -19.70
CA GLY A 271 -6.98 -12.02 -20.10
C GLY A 271 -8.40 -11.75 -20.54
N THR A 272 -8.72 -10.48 -20.78
CA THR A 272 -10.02 -10.06 -21.33
C THR A 272 -10.19 -10.56 -22.77
N GLY A 273 -11.38 -10.98 -23.14
CA GLY A 273 -11.61 -11.53 -24.46
C GLY A 273 -11.66 -10.52 -25.61
N LEU A 274 -12.19 -9.34 -25.31
CA LEU A 274 -12.40 -8.30 -26.32
C LEU A 274 -12.23 -6.89 -25.70
N VAL A 275 -11.44 -6.06 -26.35
CA VAL A 275 -11.33 -4.67 -25.98
C VAL A 275 -11.63 -3.80 -27.19
N LYS A 276 -12.59 -2.88 -27.04
CA LYS A 276 -12.94 -1.88 -28.04
C LYS A 276 -12.52 -0.54 -27.51
N LEU A 277 -11.71 0.18 -28.28
CA LEU A 277 -11.40 1.57 -27.96
C LEU A 277 -12.30 2.53 -28.76
N ALA A 278 -12.66 3.65 -28.14
CA ALA A 278 -13.36 4.71 -28.88
C ALA A 278 -12.49 5.96 -28.73
N VAL A 279 -11.87 6.35 -29.84
CA VAL A 279 -10.85 7.38 -29.87
C VAL A 279 -11.11 8.28 -31.08
N PRO A 280 -10.97 9.63 -30.91
CA PRO A 280 -11.22 10.54 -32.04
C PRO A 280 -10.31 10.28 -33.21
N PHE A 281 -10.88 10.33 -34.40
CA PHE A 281 -10.21 10.12 -35.64
C PHE A 281 -9.28 11.29 -35.93
N PRO A 282 -8.08 11.04 -36.52
CA PRO A 282 -7.49 9.76 -36.93
C PRO A 282 -6.64 9.12 -35.86
N GLN A 283 -6.70 9.63 -34.63
CA GLN A 283 -5.84 9.11 -33.53
C GLN A 283 -6.20 7.69 -33.18
N ASN A 284 -7.42 7.28 -33.45
CA ASN A 284 -7.79 5.89 -33.26
C ASN A 284 -6.85 4.92 -34.01
N LEU A 285 -6.33 5.36 -35.16
CA LEU A 285 -5.46 4.50 -35.99
C LEU A 285 -4.10 4.21 -35.36
N ILE A 286 -3.69 5.10 -34.47
CA ILE A 286 -2.47 4.87 -33.70
C ILE A 286 -2.51 3.49 -32.98
N ALA A 287 -3.63 3.15 -32.37
CA ALA A 287 -3.65 1.94 -31.53
C ALA A 287 -3.45 0.69 -32.33
N THR A 288 -4.11 0.60 -33.46
CA THR A 288 -4.06 -0.61 -34.24
C THR A 288 -2.78 -0.75 -35.00
N SER A 289 -2.05 0.35 -35.18
CA SER A 289 -0.72 0.26 -35.75
C SER A 289 0.25 -0.28 -34.71
N ARG A 290 0.02 -0.03 -33.44
CA ARG A 290 0.87 -0.67 -32.40
C ARG A 290 0.46 -2.13 -32.17
N PHE A 291 -0.82 -2.29 -31.88
CA PHE A 291 -1.41 -3.56 -31.52
C PHE A 291 -2.68 -3.85 -32.32
N PRO A 292 -2.57 -4.58 -33.42
CA PRO A 292 -3.74 -4.77 -34.28
C PRO A 292 -4.81 -5.71 -33.72
N GLU A 293 -4.51 -6.38 -32.59
CA GLU A 293 -5.48 -7.18 -31.83
C GLU A 293 -6.58 -6.29 -31.26
N LEU A 294 -6.30 -5.00 -31.08
CA LEU A 294 -7.31 -4.09 -30.54
C LEU A 294 -8.32 -3.74 -31.63
N ILE A 295 -9.48 -3.28 -31.19
CA ILE A 295 -10.47 -2.67 -32.04
C ILE A 295 -10.44 -1.22 -31.65
N SER A 296 -10.32 -0.34 -32.63
CA SER A 296 -10.20 1.08 -32.37
C SER A 296 -11.14 1.84 -33.27
N VAL A 297 -12.23 2.27 -32.68
CA VAL A 297 -13.33 2.80 -33.43
C VAL A 297 -13.05 4.29 -33.56
N PRO A 298 -13.05 4.80 -34.79
CA PRO A 298 -12.89 6.25 -34.99
C PRO A 298 -14.18 6.99 -34.55
N ILE A 299 -14.04 7.99 -33.70
CA ILE A 299 -15.15 8.87 -33.37
C ILE A 299 -14.91 10.19 -34.08
N ASP A 300 -15.95 10.64 -34.79
CA ASP A 300 -15.91 11.91 -35.50
C ASP A 300 -16.15 13.04 -34.50
N THR A 301 -15.22 13.97 -34.38
CA THR A 301 -15.31 15.06 -33.42
C THR A 301 -15.12 16.37 -34.19
N GLU A 302 -15.46 17.50 -33.58
CA GLU A 302 -15.35 18.80 -34.26
C GLU A 302 -13.92 19.34 -34.20
N LYS A 303 -13.27 19.22 -33.03
CA LYS A 303 -11.94 19.80 -32.72
C LYS A 303 -10.92 18.80 -32.13
N GLY A 304 -11.22 17.50 -32.17
CA GLY A 304 -10.25 16.49 -31.69
C GLY A 304 -10.54 15.98 -30.30
N PHE A 305 -11.66 16.42 -29.73
CA PHE A 305 -12.09 15.99 -28.42
C PHE A 305 -13.54 15.54 -28.42
N PHE A 306 -13.82 14.55 -27.59
CA PHE A 306 -15.17 14.12 -27.31
C PHE A 306 -16.01 15.26 -26.80
N SER A 307 -17.28 15.26 -27.16
CA SER A 307 -18.24 16.25 -26.69
C SER A 307 -19.63 15.60 -26.69
N LEU A 308 -20.69 16.35 -26.42
CA LEU A 308 -22.02 15.76 -26.38
C LEU A 308 -22.45 15.22 -27.73
N GLN A 309 -21.86 15.69 -28.82
CA GLN A 309 -22.31 15.16 -30.08
C GLN A 309 -21.87 13.67 -30.25
N ASN A 310 -20.95 13.19 -29.41
CA ASN A 310 -20.55 11.81 -29.49
C ASN A 310 -21.24 10.93 -28.45
N LEU A 311 -22.17 11.53 -27.69
CA LEU A 311 -22.86 10.83 -26.58
C LEU A 311 -23.61 9.60 -27.05
N GLN A 312 -24.37 9.73 -28.12
CA GLN A 312 -25.23 8.63 -28.52
C GLN A 312 -24.41 7.50 -29.09
N GLU A 313 -23.48 7.81 -29.98
CA GLU A 313 -22.58 6.80 -30.47
C GLU A 313 -21.94 5.97 -29.33
N CYS A 314 -21.60 6.62 -28.22
CA CYS A 314 -20.83 5.96 -27.17
C CYS A 314 -21.71 5.09 -26.29
N LEU A 315 -22.94 5.51 -26.01
CA LEU A 315 -23.90 4.67 -25.30
C LEU A 315 -24.21 3.45 -26.14
N GLU A 316 -24.24 3.60 -27.46
CA GLU A 316 -24.51 2.49 -28.35
C GLU A 316 -23.37 1.44 -28.28
N LEU A 317 -22.14 1.89 -28.44
CA LEU A 317 -20.98 1.06 -28.27
C LEU A 317 -20.95 0.38 -26.86
N SER A 318 -21.44 1.07 -25.85
CA SER A 318 -21.52 0.49 -24.51
C SER A 318 -22.58 -0.64 -24.35
N LYS A 319 -23.55 -0.75 -25.25
CA LYS A 319 -24.56 -1.79 -25.09
C LYS A 319 -23.98 -3.22 -25.12
N ASP A 320 -22.94 -3.45 -25.94
CA ASP A 320 -22.42 -4.81 -26.18
C ASP A 320 -21.30 -5.20 -25.22
N VAL A 321 -20.95 -4.34 -24.26
CA VAL A 321 -19.81 -4.62 -23.41
C VAL A 321 -20.27 -4.84 -21.99
N ASP A 322 -19.34 -5.30 -21.16
CA ASP A 322 -19.59 -5.57 -19.76
C ASP A 322 -19.16 -4.44 -18.85
N VAL A 323 -18.08 -3.74 -19.20
CA VAL A 323 -17.55 -2.66 -18.37
C VAL A 323 -17.07 -1.56 -19.31
N VAL A 324 -17.14 -0.31 -18.86
CA VAL A 324 -16.57 0.81 -19.60
C VAL A 324 -15.50 1.55 -18.79
N ALA A 325 -14.28 1.66 -19.34
CA ALA A 325 -13.27 2.55 -18.77
C ALA A 325 -13.34 3.89 -19.50
N ILE A 326 -13.19 5.00 -18.77
CA ILE A 326 -13.26 6.34 -19.37
C ILE A 326 -12.27 7.29 -18.72
N GLY A 327 -11.60 8.13 -19.50
CA GLY A 327 -10.73 9.18 -18.94
C GLY A 327 -9.33 9.40 -19.48
N PRO A 328 -8.56 8.36 -19.66
CA PRO A 328 -7.16 8.59 -20.12
C PRO A 328 -7.08 9.41 -21.42
N GLY A 329 -6.28 10.47 -21.39
CA GLY A 329 -6.06 11.33 -22.53
C GLY A 329 -7.29 12.05 -23.09
N LEU A 330 -8.37 12.17 -22.34
CA LEU A 330 -9.58 12.82 -22.91
C LEU A 330 -9.37 14.33 -23.09
N GLY A 331 -8.49 14.92 -22.29
CA GLY A 331 -8.44 16.38 -22.16
C GLY A 331 -9.49 16.88 -21.18
N ASN A 332 -9.26 18.07 -20.66
CA ASN A 332 -10.15 18.67 -19.69
C ASN A 332 -10.63 20.06 -20.17
N ASN A 333 -11.78 20.11 -20.83
CA ASN A 333 -12.43 21.37 -21.27
C ASN A 333 -13.94 21.24 -21.06
N GLU A 334 -14.70 22.31 -21.24
CA GLU A 334 -16.13 22.28 -20.92
C GLU A 334 -16.90 21.22 -21.74
N HIS A 335 -16.55 21.04 -23.01
CA HIS A 335 -17.23 20.04 -23.83
C HIS A 335 -16.97 18.58 -23.35
N VAL A 336 -15.74 18.25 -22.99
CA VAL A 336 -15.45 16.96 -22.35
C VAL A 336 -16.22 16.80 -21.03
N ARG A 337 -16.35 17.86 -20.24
CA ARG A 337 -17.07 17.83 -18.98
C ARG A 337 -18.56 17.51 -19.14
N GLU A 338 -19.21 18.14 -20.11
CA GLU A 338 -20.60 17.84 -20.40
C GLU A 338 -20.73 16.39 -20.82
N PHE A 339 -19.85 15.96 -21.71
CA PHE A 339 -19.93 14.65 -22.27
C PHE A 339 -19.72 13.55 -21.23
N VAL A 340 -18.65 13.63 -20.46
CA VAL A 340 -18.40 12.62 -19.43
C VAL A 340 -19.58 12.49 -18.44
N ASN A 341 -20.12 13.63 -18.00
CA ASN A 341 -21.14 13.62 -16.95
C ASN A 341 -22.48 13.15 -17.46
N GLU A 342 -22.87 13.58 -18.65
CA GLU A 342 -24.07 13.06 -19.25
C GLU A 342 -23.91 11.56 -19.50
N PHE A 343 -22.73 11.16 -20.01
CA PHE A 343 -22.45 9.75 -20.26
C PHE A 343 -22.60 8.84 -19.03
N LEU A 344 -21.84 9.14 -17.99
CA LEU A 344 -21.91 8.33 -16.73
C LEU A 344 -23.31 8.32 -16.05
N LYS A 345 -24.02 9.43 -16.16
CA LYS A 345 -25.42 9.53 -15.70
C LYS A 345 -26.34 8.51 -16.41
N THR A 346 -26.08 8.27 -17.69
CA THR A 346 -26.90 7.40 -18.49
C THR A 346 -26.34 5.97 -18.65
N LEU A 347 -25.03 5.80 -18.55
CA LEU A 347 -24.50 4.45 -18.66
C LEU A 347 -24.93 3.49 -17.51
N GLU A 348 -25.63 2.40 -17.86
CA GLU A 348 -26.05 1.37 -16.88
C GLU A 348 -25.19 0.13 -17.02
N LYS A 349 -23.89 0.38 -16.78
CA LYS A 349 -22.80 -0.57 -16.81
C LYS A 349 -21.77 -0.09 -15.75
N PRO A 350 -21.03 -1.01 -15.15
CA PRO A 350 -19.85 -0.62 -14.36
C PRO A 350 -18.90 0.29 -15.13
N ALA A 351 -18.43 1.35 -14.48
CA ALA A 351 -17.54 2.37 -15.06
C ALA A 351 -16.24 2.35 -14.28
N VAL A 352 -15.11 2.39 -14.97
CA VAL A 352 -13.83 2.64 -14.34
C VAL A 352 -13.47 4.05 -14.78
N ILE A 353 -13.23 4.96 -13.83
CA ILE A 353 -13.10 6.38 -14.11
C ILE A 353 -11.71 6.86 -13.70
N ASP A 354 -10.98 7.36 -14.68
CA ASP A 354 -9.56 7.73 -14.50
C ASP A 354 -9.29 9.12 -15.08
N ALA A 355 -8.17 9.70 -14.66
CA ALA A 355 -7.53 10.82 -15.29
C ALA A 355 -8.51 11.96 -15.52
N ASP A 356 -8.59 12.42 -16.77
CA ASP A 356 -9.43 13.59 -17.08
C ASP A 356 -10.93 13.41 -16.86
N ALA A 357 -11.42 12.17 -16.86
CA ALA A 357 -12.78 11.89 -16.51
C ALA A 357 -12.97 12.23 -15.02
N ILE A 358 -11.97 11.92 -14.19
CA ILE A 358 -12.01 12.37 -12.79
C ILE A 358 -11.95 13.93 -12.65
N ASN A 359 -11.06 14.60 -13.38
CA ASN A 359 -10.91 16.06 -13.29
C ASN A 359 -12.15 16.91 -13.60
N VAL A 360 -13.09 16.35 -14.38
CA VAL A 360 -14.31 17.06 -14.76
C VAL A 360 -15.55 16.44 -14.16
N LEU A 361 -15.38 15.47 -13.28
CA LEU A 361 -16.50 14.70 -12.78
C LEU A 361 -17.33 15.51 -11.83
N ASP A 362 -18.64 15.34 -11.93
CA ASP A 362 -19.60 15.89 -10.95
C ASP A 362 -19.93 14.73 -10.02
N THR A 363 -19.69 14.88 -8.73
CA THR A 363 -19.84 13.74 -7.81
C THR A 363 -21.31 13.39 -7.53
N SER A 364 -22.21 14.35 -7.76
CA SER A 364 -23.65 14.10 -7.72
C SER A 364 -24.03 12.98 -8.68
N VAL A 365 -23.30 12.87 -9.78
CA VAL A 365 -23.55 11.83 -10.75
C VAL A 365 -23.25 10.41 -10.25
N LEU A 366 -22.19 10.27 -9.45
CA LEU A 366 -21.84 8.97 -8.83
C LEU A 366 -22.88 8.48 -7.87
N LYS A 367 -23.47 9.43 -7.13
CA LYS A 367 -24.56 9.14 -6.21
C LYS A 367 -25.77 8.59 -6.97
N GLU A 368 -26.12 9.22 -8.10
CA GLU A 368 -27.41 8.90 -8.73
C GLU A 368 -27.35 7.68 -9.64
N ARG A 369 -26.16 7.08 -9.79
CA ARG A 369 -25.95 5.89 -10.64
C ARG A 369 -26.33 4.63 -9.87
N LYS A 370 -27.04 3.70 -10.54
CA LYS A 370 -27.32 2.36 -9.95
C LYS A 370 -26.12 1.45 -10.15
N SER A 371 -25.48 1.59 -11.30
CA SER A 371 -24.34 0.77 -11.65
C SER A 371 -23.12 1.20 -10.86
N PRO A 372 -22.17 0.27 -10.66
CA PRO A 372 -20.97 0.52 -9.82
C PRO A 372 -19.91 1.28 -10.56
N ALA A 373 -18.90 1.75 -9.83
CA ALA A 373 -17.83 2.53 -10.38
C ALA A 373 -16.55 2.29 -9.59
N VAL A 374 -15.41 2.28 -10.27
CA VAL A 374 -14.13 2.41 -9.58
C VAL A 374 -13.53 3.76 -9.98
N LEU A 375 -13.06 4.57 -9.02
CA LEU A 375 -12.26 5.77 -9.39
C LEU A 375 -10.81 5.52 -9.04
N THR A 376 -9.92 5.93 -9.93
CA THR A 376 -8.53 5.65 -9.76
C THR A 376 -7.71 6.94 -9.80
N PRO A 377 -7.91 7.82 -8.82
CA PRO A 377 -7.15 9.05 -8.79
C PRO A 377 -5.75 8.90 -8.21
N HIS A 378 -4.78 9.66 -8.74
CA HIS A 378 -3.56 10.00 -7.98
C HIS A 378 -3.90 11.18 -7.03
N PRO A 379 -3.02 11.50 -6.06
CA PRO A 379 -3.43 12.49 -5.00
C PRO A 379 -3.74 13.89 -5.52
N GLY A 380 -3.11 14.24 -6.64
CA GLY A 380 -3.43 15.49 -7.32
C GLY A 380 -4.90 15.53 -7.72
N GLU A 381 -5.36 14.46 -8.36
CA GLU A 381 -6.72 14.34 -8.83
C GLU A 381 -7.69 14.18 -7.68
N MET A 382 -7.28 13.51 -6.63
CA MET A 382 -8.11 13.39 -5.43
C MET A 382 -8.32 14.76 -4.75
N ALA A 383 -7.23 15.51 -4.58
CA ALA A 383 -7.25 16.86 -4.04
C ALA A 383 -8.28 17.68 -4.78
N ARG A 384 -8.15 17.77 -6.12
CA ARG A 384 -9.12 18.52 -6.94
C ARG A 384 -10.54 17.95 -6.82
N LEU A 385 -10.68 16.64 -6.73
CA LEU A 385 -12.01 16.07 -6.71
C LEU A 385 -12.79 16.42 -5.42
N VAL A 386 -12.13 16.48 -4.27
CA VAL A 386 -12.78 16.82 -2.98
C VAL A 386 -12.46 18.25 -2.52
N LYS A 387 -11.70 18.98 -3.35
CA LYS A 387 -11.39 20.40 -3.09
C LYS A 387 -10.64 20.57 -1.78
N LYS A 388 -9.52 19.86 -1.70
CA LYS A 388 -8.56 19.91 -0.60
C LYS A 388 -7.13 20.02 -1.16
N THR A 389 -6.14 20.17 -0.29
CA THR A 389 -4.76 20.24 -0.71
C THR A 389 -4.27 18.80 -0.88
N VAL A 390 -3.26 18.60 -1.74
CA VAL A 390 -2.60 17.30 -1.91
C VAL A 390 -2.13 16.72 -0.59
N GLY A 391 -1.46 17.54 0.22
CA GLY A 391 -1.05 17.15 1.57
C GLY A 391 -2.18 16.69 2.50
N ASP A 392 -3.39 17.23 2.37
CA ASP A 392 -4.53 16.75 3.15
C ASP A 392 -5.05 15.37 2.70
N VAL A 393 -4.90 15.01 1.43
CA VAL A 393 -5.49 13.77 0.94
C VAL A 393 -4.49 12.63 0.83
N LYS A 394 -3.20 12.96 0.65
CA LYS A 394 -2.16 11.96 0.48
C LYS A 394 -2.07 11.01 1.65
N TYR A 395 -2.10 9.72 1.34
CA TYR A 395 -2.11 8.66 2.37
C TYR A 395 -3.20 8.79 3.45
N ASN A 396 -4.28 9.51 3.14
CA ASN A 396 -5.39 9.69 4.06
C ASN A 396 -6.48 8.62 3.84
N TYR A 397 -6.27 7.44 4.43
CA TYR A 397 -7.22 6.32 4.21
C TYR A 397 -8.63 6.60 4.78
N GLU A 398 -8.75 7.31 5.91
CA GLU A 398 -10.11 7.65 6.37
C GLU A 398 -10.90 8.55 5.39
N LEU A 399 -10.24 9.48 4.70
CA LEU A 399 -10.92 10.34 3.75
C LEU A 399 -11.36 9.46 2.60
N ALA A 400 -10.43 8.65 2.09
CA ALA A 400 -10.75 7.73 1.01
C ALA A 400 -11.95 6.86 1.37
N GLU A 401 -11.95 6.33 2.59
CA GLU A 401 -13.10 5.55 3.09
C GLU A 401 -14.40 6.33 3.07
N GLU A 402 -14.47 7.52 3.67
CA GLU A 402 -15.69 8.31 3.56
C GLU A 402 -16.11 8.61 2.09
N PHE A 403 -15.16 8.95 1.24
CA PHE A 403 -15.53 9.22 -0.13
C PHE A 403 -16.21 7.99 -0.75
N ALA A 404 -15.67 6.79 -0.52
CA ALA A 404 -16.21 5.59 -1.19
C ALA A 404 -17.61 5.29 -0.70
N LYS A 405 -17.75 5.38 0.62
CA LYS A 405 -18.99 5.12 1.33
C LYS A 405 -20.07 6.13 0.95
N GLU A 406 -19.73 7.41 0.87
CA GLU A 406 -20.68 8.45 0.50
C GLU A 406 -21.08 8.44 -0.96
N ASN A 407 -20.21 7.90 -1.82
CA ASN A 407 -20.44 7.93 -3.26
C ASN A 407 -20.66 6.53 -3.81
N ASP A 408 -20.84 5.57 -2.93
CA ASP A 408 -21.09 4.16 -3.30
C ASP A 408 -20.14 3.66 -4.42
N CYS A 409 -18.85 3.79 -4.19
CA CYS A 409 -17.87 3.39 -5.16
C CYS A 409 -16.66 2.70 -4.52
N VAL A 410 -15.72 2.31 -5.36
CA VAL A 410 -14.44 1.85 -4.91
C VAL A 410 -13.54 2.98 -5.25
N LEU A 411 -12.69 3.36 -4.31
CA LEU A 411 -11.68 4.36 -4.58
C LEU A 411 -10.30 3.71 -4.53
N VAL A 412 -9.55 3.87 -5.62
CA VAL A 412 -8.17 3.43 -5.73
C VAL A 412 -7.31 4.68 -5.74
N LEU A 413 -6.69 5.00 -4.62
CA LEU A 413 -5.93 6.24 -4.49
C LEU A 413 -4.49 5.88 -4.69
N LYS A 414 -3.91 6.26 -5.83
CA LYS A 414 -2.60 5.73 -6.23
C LYS A 414 -1.42 6.49 -5.55
N SER A 415 -0.36 5.78 -5.19
CA SER A 415 0.87 6.33 -4.66
C SER A 415 1.80 5.12 -4.43
N ALA A 416 2.99 5.34 -3.90
CA ALA A 416 3.93 4.27 -3.71
C ALA A 416 3.27 3.12 -2.93
N THR A 417 2.44 3.48 -1.94
CA THR A 417 1.48 2.57 -1.36
C THR A 417 0.12 3.03 -1.79
N THR A 418 -0.65 2.12 -2.36
CA THR A 418 -1.93 2.47 -2.88
C THR A 418 -2.98 1.94 -1.93
N ILE A 419 -3.99 2.79 -1.71
CA ILE A 419 -5.13 2.48 -0.87
C ILE A 419 -6.31 2.10 -1.76
N VAL A 420 -6.93 0.96 -1.49
CA VAL A 420 -8.08 0.49 -2.25
C VAL A 420 -9.16 0.29 -1.23
N THR A 421 -10.23 1.05 -1.32
CA THR A 421 -11.28 0.93 -0.33
C THR A 421 -12.64 0.99 -0.99
N ASP A 422 -13.63 0.40 -0.34
CA ASP A 422 -15.02 0.56 -0.72
C ASP A 422 -15.88 1.19 0.40
N GLY A 423 -15.23 1.58 1.50
CA GLY A 423 -15.88 2.23 2.62
C GLY A 423 -15.98 1.32 3.83
N GLU A 424 -15.95 0.01 3.61
CA GLU A 424 -16.04 -0.99 4.68
C GLU A 424 -14.68 -1.67 4.82
N LYS A 425 -14.14 -2.08 3.68
CA LYS A 425 -12.93 -2.85 3.60
C LYS A 425 -11.89 -1.92 2.93
N THR A 426 -10.72 -1.83 3.56
CA THR A 426 -9.60 -1.04 3.07
C THR A 426 -8.37 -1.93 2.94
N LEU A 427 -7.80 -1.97 1.72
CA LEU A 427 -6.58 -2.73 1.43
C LEU A 427 -5.42 -1.84 1.02
N PHE A 428 -4.21 -2.19 1.44
CA PHE A 428 -3.00 -1.47 1.04
C PHE A 428 -2.14 -2.32 0.14
N ASN A 429 -1.76 -1.75 -1.01
CA ASN A 429 -0.81 -2.38 -1.90
C ASN A 429 0.58 -1.78 -1.74
N ILE A 430 1.57 -2.66 -1.58
CA ILE A 430 2.94 -2.25 -1.43
C ILE A 430 3.90 -2.76 -2.54
N THR A 431 3.40 -3.44 -3.58
CA THR A 431 4.27 -3.79 -4.72
C THR A 431 4.53 -2.54 -5.60
N GLY A 432 5.51 -2.63 -6.48
CA GLY A 432 5.93 -1.49 -7.32
C GLY A 432 7.31 -0.94 -7.02
N ASN A 433 7.70 0.09 -7.79
CA ASN A 433 8.99 0.77 -7.62
C ASN A 433 8.86 2.09 -8.38
N THR A 434 9.90 2.91 -8.37
CA THR A 434 9.79 4.25 -8.92
C THR A 434 9.64 4.28 -10.47
N GLY A 435 9.81 3.15 -11.15
CA GLY A 435 9.65 3.12 -12.61
C GLY A 435 8.20 3.34 -13.00
N LEU A 436 7.28 3.11 -12.07
CA LEU A 436 5.89 3.44 -12.30
C LEU A 436 5.62 4.96 -12.17
N SER A 437 6.62 5.74 -11.75
CA SER A 437 6.51 7.19 -11.70
C SER A 437 6.84 7.84 -13.04
N LYS A 438 6.13 7.42 -14.07
CA LYS A 438 6.13 8.16 -15.29
C LYS A 438 4.88 7.92 -16.11
N GLY A 439 4.57 8.87 -17.00
CA GLY A 439 3.30 8.81 -17.78
C GLY A 439 3.06 7.48 -18.45
N GLY A 440 1.80 7.06 -18.46
CA GLY A 440 1.33 5.87 -19.18
C GLY A 440 1.10 4.76 -18.18
N SER A 441 1.83 4.84 -17.09
CA SER A 441 1.75 3.86 -16.06
C SER A 441 0.30 3.75 -15.48
N GLY A 442 -0.37 4.87 -15.23
CA GLY A 442 -1.77 4.81 -14.74
C GLY A 442 -2.74 4.30 -15.78
N ASP A 443 -2.43 4.56 -17.03
CA ASP A 443 -3.28 4.16 -18.14
C ASP A 443 -3.33 2.64 -18.26
N VAL A 444 -2.19 1.97 -18.03
CA VAL A 444 -2.17 0.53 -18.01
C VAL A 444 -3.11 0.04 -16.91
N LEU A 445 -2.99 0.62 -15.70
CA LEU A 445 -3.76 0.14 -14.55
C LEU A 445 -5.27 0.23 -14.79
N THR A 446 -5.74 1.32 -15.37
CA THR A 446 -7.17 1.48 -15.68
C THR A 446 -7.69 0.29 -16.53
N GLY A 447 -6.97 -0.03 -17.61
CA GLY A 447 -7.23 -1.24 -18.38
C GLY A 447 -7.30 -2.55 -17.57
N MET A 448 -6.32 -2.77 -16.73
CA MET A 448 -6.26 -3.99 -15.95
C MET A 448 -7.49 -4.11 -15.07
N ILE A 449 -7.91 -3.03 -14.46
CA ILE A 449 -9.10 -3.06 -13.60
C ILE A 449 -10.39 -3.41 -14.40
N ALA A 450 -10.54 -2.74 -15.56
CA ALA A 450 -11.72 -2.86 -16.41
C ALA A 450 -11.75 -4.26 -16.88
N GLY A 451 -10.58 -4.78 -17.24
CA GLY A 451 -10.48 -6.17 -17.73
C GLY A 451 -10.86 -7.18 -16.68
N PHE A 452 -10.48 -6.96 -15.45
CA PHE A 452 -10.80 -7.93 -14.45
C PHE A 452 -12.28 -7.89 -14.07
N ILE A 453 -12.89 -6.69 -14.09
CA ILE A 453 -14.34 -6.60 -13.87
C ILE A 453 -15.03 -7.36 -15.03
N ALA A 454 -14.58 -7.14 -16.25
CA ALA A 454 -15.14 -7.84 -17.38
C ALA A 454 -15.13 -9.37 -17.16
N GLN A 455 -14.07 -9.89 -16.50
CA GLN A 455 -13.97 -11.34 -16.30
C GLN A 455 -14.77 -11.80 -15.08
N GLY A 456 -15.56 -10.92 -14.47
CA GLY A 456 -16.43 -11.35 -13.40
C GLY A 456 -16.00 -11.07 -11.99
N LEU A 457 -14.85 -10.45 -11.78
CA LEU A 457 -14.50 -10.00 -10.46
C LEU A 457 -15.35 -8.78 -10.09
N SER A 458 -15.65 -8.65 -8.82
CA SER A 458 -16.32 -7.45 -8.36
C SER A 458 -15.32 -6.27 -8.50
N PRO A 459 -15.83 -5.02 -8.52
CA PRO A 459 -14.99 -3.81 -8.52
C PRO A 459 -13.86 -3.79 -7.45
N LEU A 460 -14.16 -4.23 -6.24
CA LEU A 460 -13.14 -4.21 -5.23
C LEU A 460 -12.08 -5.29 -5.51
N GLU A 461 -12.53 -6.48 -5.90
CA GLU A 461 -11.62 -7.57 -6.20
C GLU A 461 -10.76 -7.25 -7.41
N ALA A 462 -11.41 -6.77 -8.47
CA ALA A 462 -10.76 -6.30 -9.69
C ALA A 462 -9.65 -5.32 -9.37
N SER A 463 -9.94 -4.38 -8.47
CA SER A 463 -9.00 -3.32 -8.15
C SER A 463 -7.86 -3.86 -7.33
N THR A 464 -8.15 -4.82 -6.48
CA THR A 464 -7.14 -5.38 -5.58
C THR A 464 -6.11 -6.19 -6.34
N VAL A 465 -6.61 -7.08 -7.18
CA VAL A 465 -5.77 -7.89 -8.06
C VAL A 465 -4.96 -6.96 -8.99
N SER A 466 -5.56 -5.90 -9.50
CA SER A 466 -4.86 -5.11 -10.52
C SER A 466 -3.69 -4.32 -9.94
N VAL A 467 -3.89 -3.64 -8.80
CA VAL A 467 -2.83 -2.85 -8.21
C VAL A 467 -1.67 -3.78 -7.83
N TYR A 468 -1.98 -4.99 -7.43
CA TYR A 468 -0.91 -5.86 -7.00
C TYR A 468 -0.08 -6.27 -8.21
N LEU A 469 -0.73 -6.78 -9.27
CA LEU A 469 -0.02 -7.27 -10.47
C LEU A 469 0.71 -6.16 -11.24
N HIS A 470 0.12 -4.97 -11.24
CA HIS A 470 0.71 -3.76 -11.84
C HIS A 470 2.03 -3.47 -11.18
N GLY A 471 2.03 -3.45 -9.84
CA GLY A 471 3.26 -3.27 -9.06
C GLY A 471 4.23 -4.40 -9.26
N PHE A 472 3.75 -5.62 -9.27
CA PHE A 472 4.63 -6.78 -9.38
C PHE A 472 5.30 -6.87 -10.79
N ALA A 473 4.58 -6.48 -11.85
CA ALA A 473 5.14 -6.41 -13.21
C ALA A 473 6.33 -5.42 -13.27
N ALA A 474 6.19 -4.25 -12.64
CA ALA A 474 7.29 -3.30 -12.50
C ALA A 474 8.53 -3.95 -11.84
N GLU A 475 8.34 -4.70 -10.78
CA GLU A 475 9.49 -5.30 -10.10
C GLU A 475 10.19 -6.34 -10.95
N LEU A 476 9.54 -6.84 -11.98
CA LEU A 476 10.15 -7.89 -12.79
C LEU A 476 10.99 -7.33 -13.93
N PHE A 477 10.88 -6.05 -14.22
CA PHE A 477 11.79 -5.42 -15.16
C PHE A 477 13.23 -5.80 -14.84
N GLU A 478 13.95 -6.22 -15.85
CA GLU A 478 15.26 -6.83 -15.73
C GLU A 478 16.40 -5.78 -15.60
N GLN A 479 16.17 -4.56 -16.04
CA GLN A 479 17.21 -3.56 -15.96
C GLN A 479 16.81 -2.54 -14.86
N ASP A 480 17.47 -1.39 -14.77
CA ASP A 480 17.19 -0.42 -13.74
C ASP A 480 15.81 0.17 -13.93
N GLU A 481 15.13 0.31 -12.80
CA GLU A 481 13.73 0.63 -12.75
C GLU A 481 13.45 1.94 -13.34
N ARG A 482 14.41 2.85 -13.30
CA ARG A 482 14.12 4.15 -13.79
C ARG A 482 13.92 4.17 -15.29
N GLY A 483 14.39 3.13 -15.98
CA GLY A 483 14.22 3.05 -17.43
C GLY A 483 12.94 2.38 -17.86
N LEU A 484 12.09 1.99 -16.90
CA LEU A 484 10.84 1.28 -17.20
C LEU A 484 9.86 2.16 -17.85
N THR A 485 9.22 1.67 -18.90
CA THR A 485 8.20 2.44 -19.56
C THR A 485 6.92 1.60 -19.60
N ALA A 486 5.77 2.24 -19.86
CA ALA A 486 4.48 1.57 -19.81
C ALA A 486 4.40 0.38 -20.80
N SER A 487 5.03 0.54 -21.96
CA SER A 487 5.13 -0.53 -22.95
C SER A 487 5.85 -1.75 -22.44
N GLU A 488 6.95 -1.58 -21.71
CA GLU A 488 7.62 -2.72 -21.13
C GLU A 488 6.79 -3.32 -20.04
N LEU A 489 6.12 -2.48 -19.27
CA LEU A 489 5.28 -2.97 -18.22
C LEU A 489 4.19 -3.90 -18.78
N LEU A 490 3.60 -3.53 -19.90
CA LEU A 490 2.57 -4.35 -20.53
C LEU A 490 3.09 -5.72 -20.85
N ARG A 491 4.33 -5.78 -21.28
CA ARG A 491 5.00 -7.05 -21.57
C ARG A 491 5.24 -7.92 -20.33
N LEU A 492 5.41 -7.31 -19.17
CA LEU A 492 5.76 -8.02 -17.96
C LEU A 492 4.55 -8.57 -17.25
N ILE A 493 3.39 -7.98 -17.52
CA ILE A 493 2.16 -8.41 -16.86
C ILE A 493 1.94 -9.95 -16.83
N PRO A 494 1.97 -10.64 -17.99
CA PRO A 494 1.73 -12.10 -17.92
C PRO A 494 2.82 -12.89 -17.17
N GLU A 495 3.99 -12.33 -17.06
CA GLU A 495 4.98 -12.92 -16.19
C GLU A 495 4.56 -12.72 -14.72
N ALA A 496 4.10 -11.53 -14.37
CA ALA A 496 3.64 -11.31 -13.04
C ALA A 496 2.56 -12.38 -12.74
N ILE A 497 1.62 -12.56 -13.64
CA ILE A 497 0.55 -13.53 -13.43
C ILE A 497 1.06 -14.95 -13.31
N ARG A 498 1.99 -15.34 -14.18
CA ARG A 498 2.56 -16.67 -14.03
C ARG A 498 3.20 -16.80 -12.69
N ARG A 499 3.96 -15.80 -12.24
CA ARG A 499 4.70 -15.98 -10.99
C ARG A 499 3.81 -16.00 -9.75
N LEU A 500 2.63 -15.43 -9.82
CA LEU A 500 1.62 -15.65 -8.78
C LEU A 500 1.35 -17.10 -8.41
N LYS A 501 1.46 -18.02 -9.38
CA LYS A 501 1.01 -19.40 -9.20
C LYS A 501 2.16 -20.38 -9.25
N ALA B 1 7.05 -20.29 9.06
CA ALA B 1 5.65 -19.71 9.08
C ALA B 1 5.00 -19.41 10.47
N TRP B 2 5.19 -20.31 11.44
CA TRP B 2 4.51 -20.20 12.79
C TRP B 2 4.83 -18.91 13.55
N LEU B 3 6.10 -18.52 13.62
CA LEU B 3 6.51 -17.31 14.36
C LEU B 3 6.38 -16.01 13.53
N PHE B 4 6.80 -16.05 12.27
CA PHE B 4 6.91 -14.85 11.43
C PHE B 4 6.06 -14.88 10.15
N GLU B 5 5.44 -13.76 9.85
CA GLU B 5 4.93 -13.38 8.49
C GLU B 5 5.96 -12.35 7.95
N ALA B 6 6.49 -12.58 6.74
CA ALA B 6 7.52 -11.63 6.17
C ALA B 6 6.88 -10.63 5.20
K K C . 10.73 1.40 18.99
PA AP5 D . 5.11 3.32 24.66
O1A AP5 D . 6.22 2.43 25.13
O2A AP5 D . 5.36 3.90 23.28
O3A AP5 D . 3.74 2.51 24.57
PB AP5 D . 2.82 2.23 25.83
O1B AP5 D . 3.09 3.29 26.87
O2B AP5 D . 3.23 0.93 26.44
O3B AP5 D . 1.29 2.23 25.28
PG AP5 D . 0.13 3.34 25.61
O1G AP5 D . -0.29 4.10 24.36
O2G AP5 D . 0.59 4.33 26.66
O3G AP5 D . -1.21 2.50 26.03
O5F AP5 D . 4.99 4.53 25.68
C5F AP5 D . 5.92 5.55 25.53
C4F AP5 D . 5.75 6.60 26.61
O4F AP5 D . 6.78 7.55 26.39
C3F AP5 D . 4.45 7.40 26.56
O3F AP5 D . 3.35 6.85 27.23
C2F AP5 D . 4.87 8.73 27.16
O2F AP5 D . 4.86 8.75 28.57
C1F AP5 D . 6.29 8.88 26.61
N9A AP5 D . 6.22 9.72 25.38
C8A AP5 D . 5.26 9.68 24.36
N7A AP5 D . 5.56 10.62 23.45
C5A AP5 D . 6.68 11.24 23.87
C6A AP5 D . 7.39 12.27 23.30
N6A AP5 D . 6.85 12.83 22.23
N1A AP5 D . 8.54 12.76 23.93
C2A AP5 D . 8.95 12.20 25.12
N3A AP5 D . 8.22 11.15 25.67
C4A AP5 D . 7.11 10.70 25.06
C1 GOL E . 3.29 -6.68 24.53
O1 GOL E . 3.75 -6.05 25.69
C2 GOL E . 3.71 -5.90 23.30
O2 GOL E . 4.59 -4.84 23.62
C3 GOL E . 2.48 -5.32 22.64
O3 GOL E . 1.73 -6.39 22.10
#